data_5HEC
#
_entry.id   5HEC
#
_cell.length_a   180.044
_cell.length_b   180.044
_cell.length_c   62.985
_cell.angle_alpha   90.00
_cell.angle_beta   90.00
_cell.angle_gamma   120.00
#
_symmetry.space_group_name_H-M   'H 3'
#
loop_
_entity.id
_entity.type
_entity.pdbx_description
1 polymer 'Putative glycosyltransferase (GalT1)'
2 water water
#
_entity_poly.entity_id   1
_entity_poly.type   'polypeptide(L)'
_entity_poly.pdbx_seq_one_letter_code
;MDNGELISIIVPVYNVEKYLKRCLDSLLRQTYKNFEIILINDGSTDNSSIICEEYAKIDNRIQILHQTNAGPSAARNAGI
TYASGKYITFVDSDDFVEEFYLEHLYRALVDNGSDISVCNFNSFNEDRQSFLFSITKEKYFCKNYTIAEWMDLESSANNN
LFLTFTFSPTKLFKAELFEGIRFPLGRLREDDATIYRLYLKASQITFINEGSYYYSQRSEGLSRTRMLDDISSMISNAEE
RIALLASMGYDLTEQIKSYKGRLKKCCEDALRNGQIELYQQCCNKLDLIENYPKEK
;
_entity_poly.pdbx_strand_id   A,B
#
# COMPACT_ATOMS: atom_id res chain seq x y z
N GLY A 4 -30.02 29.74 -2.96
CA GLY A 4 -28.80 29.09 -2.48
C GLY A 4 -27.79 28.91 -3.60
N GLU A 5 -26.53 28.67 -3.24
CA GLU A 5 -25.47 28.47 -4.24
C GLU A 5 -25.56 27.10 -4.91
N LEU A 6 -24.96 26.98 -6.09
CA LEU A 6 -25.13 25.78 -6.91
C LEU A 6 -24.44 24.54 -6.30
N ILE A 7 -25.22 23.47 -6.18
CA ILE A 7 -24.70 22.19 -5.73
C ILE A 7 -24.59 21.24 -6.94
N SER A 8 -23.41 20.63 -7.12
CA SER A 8 -23.24 19.64 -8.17
C SER A 8 -23.45 18.23 -7.65
N ILE A 9 -24.44 17.55 -8.22
CA ILE A 9 -24.73 16.17 -7.85
C ILE A 9 -24.16 15.25 -8.92
N ILE A 10 -23.19 14.45 -8.52
CA ILE A 10 -22.49 13.56 -9.43
C ILE A 10 -23.08 12.16 -9.32
N VAL A 11 -23.52 11.62 -10.46
CA VAL A 11 -24.26 10.37 -10.48
C VAL A 11 -23.71 9.47 -11.59
N PRO A 12 -22.85 8.52 -11.21
CA PRO A 12 -22.35 7.52 -12.16
C PRO A 12 -23.49 6.56 -12.53
N VAL A 13 -23.59 6.24 -13.82
CA VAL A 13 -24.67 5.41 -14.33
C VAL A 13 -24.07 4.25 -15.10
N TYR A 14 -24.23 3.03 -14.59
CA TYR A 14 -23.82 1.85 -15.33
C TYR A 14 -24.81 0.72 -15.14
N ASN A 15 -25.58 0.44 -16.20
CA ASN A 15 -26.55 -0.65 -16.26
C ASN A 15 -27.49 -0.75 -15.07
N VAL A 16 -28.19 0.35 -14.80
CA VAL A 16 -29.11 0.43 -13.67
C VAL A 16 -30.52 0.77 -14.16
N GLU A 17 -30.94 0.14 -15.25
CA GLU A 17 -32.22 0.49 -15.87
C GLU A 17 -33.40 0.28 -14.91
N LYS A 18 -33.29 -0.70 -14.01
CA LYS A 18 -34.36 -0.98 -13.05
C LYS A 18 -34.54 0.13 -12.02
N TYR A 19 -33.46 0.86 -11.72
CA TYR A 19 -33.45 1.71 -10.54
C TYR A 19 -33.30 3.19 -10.82
N LEU A 20 -32.93 3.52 -12.05
CA LEU A 20 -32.51 4.87 -12.36
C LEU A 20 -33.66 5.86 -12.26
N LYS A 21 -34.84 5.47 -12.72
CA LYS A 21 -36.00 6.39 -12.67
C LYS A 21 -36.35 6.76 -11.22
N ARG A 22 -36.38 5.77 -10.33
CA ARG A 22 -36.60 6.04 -8.92
C ARG A 22 -35.56 7.06 -8.40
N CYS A 23 -34.30 6.86 -8.77
CA CYS A 23 -33.25 7.75 -8.30
C CYS A 23 -33.48 9.18 -8.76
N LEU A 24 -33.59 9.36 -10.07
CA LEU A 24 -33.74 10.69 -10.65
C LEU A 24 -35.02 11.40 -10.21
N ASP A 25 -36.12 10.67 -10.08
CA ASP A 25 -37.37 11.25 -9.60
C ASP A 25 -37.15 11.82 -8.20
N SER A 26 -36.45 11.06 -7.34
CA SER A 26 -36.23 11.51 -5.97
C SER A 26 -35.32 12.75 -5.93
N LEU A 27 -34.46 12.91 -6.93
CA LEU A 27 -33.58 14.09 -6.99
C LEU A 27 -34.30 15.33 -7.53
N LEU A 28 -35.14 15.13 -8.54
CA LEU A 28 -35.86 16.26 -9.12
C LEU A 28 -36.88 16.83 -8.13
N ARG A 29 -37.33 16.01 -7.17
CA ARG A 29 -38.22 16.49 -6.11
C ARG A 29 -37.53 17.22 -4.96
N GLN A 30 -36.26 17.60 -5.10
CA GLN A 30 -35.55 18.23 -3.97
C GLN A 30 -36.13 19.60 -3.65
N THR A 31 -36.24 19.92 -2.37
CA THR A 31 -36.75 21.22 -1.95
C THR A 31 -35.69 22.29 -2.18
N TYR A 32 -34.42 21.88 -2.19
CA TYR A 32 -33.31 22.76 -2.58
C TYR A 32 -33.16 22.79 -4.11
N LYS A 33 -33.48 23.92 -4.73
CA LYS A 33 -33.67 23.93 -6.19
C LYS A 33 -32.39 24.14 -7.00
N ASN A 34 -31.40 24.84 -6.43
CA ASN A 34 -30.27 25.28 -7.24
C ASN A 34 -29.17 24.23 -7.35
N PHE A 35 -29.44 23.20 -8.12
CA PHE A 35 -28.46 22.15 -8.32
C PHE A 35 -28.32 21.87 -9.82
N GLU A 36 -27.24 21.18 -10.16
CA GLU A 36 -27.11 20.50 -11.44
C GLU A 36 -26.95 19.00 -11.14
N ILE A 37 -27.49 18.16 -12.01
CA ILE A 37 -27.28 16.73 -11.90
C ILE A 37 -26.42 16.32 -13.06
N ILE A 38 -25.24 15.81 -12.74
CA ILE A 38 -24.33 15.32 -13.75
C ILE A 38 -24.41 13.80 -13.80
N LEU A 39 -25.09 13.31 -14.82
CA LEU A 39 -25.20 11.87 -15.09
C LEU A 39 -24.05 11.40 -15.96
N ILE A 40 -23.21 10.53 -15.42
CA ILE A 40 -22.12 9.99 -16.21
C ILE A 40 -22.46 8.56 -16.60
N ASN A 41 -23.04 8.40 -17.78
CA ASN A 41 -23.27 7.09 -18.35
C ASN A 41 -21.92 6.48 -18.75
N ASP A 42 -21.49 5.50 -18.00
CA ASP A 42 -20.21 4.82 -18.19
C ASP A 42 -20.34 3.69 -19.24
N GLY A 43 -20.88 4.02 -20.40
CA GLY A 43 -21.03 3.05 -21.48
C GLY A 43 -21.98 1.90 -21.16
N SER A 44 -23.14 2.23 -20.59
CA SER A 44 -24.18 1.24 -20.30
C SER A 44 -24.63 0.49 -21.55
N THR A 45 -25.01 -0.77 -21.37
CA THR A 45 -25.44 -1.60 -22.48
C THR A 45 -26.90 -2.03 -22.35
N ASP A 46 -27.59 -1.56 -21.32
CA ASP A 46 -29.03 -1.77 -21.20
C ASP A 46 -29.74 -0.47 -21.61
N ASN A 47 -30.92 -0.21 -21.08
CA ASN A 47 -31.64 1.01 -21.48
C ASN A 47 -31.28 2.27 -20.68
N SER A 48 -30.27 2.17 -19.81
CA SER A 48 -29.88 3.29 -18.93
C SER A 48 -29.60 4.58 -19.70
N SER A 49 -28.86 4.46 -20.79
CA SER A 49 -28.47 5.63 -21.57
C SER A 49 -29.68 6.36 -22.16
N ILE A 50 -30.72 5.59 -22.48
CA ILE A 50 -31.96 6.13 -23.05
C ILE A 50 -32.75 6.86 -21.99
N ILE A 51 -32.92 6.19 -20.86
CA ILE A 51 -33.54 6.80 -19.70
C ILE A 51 -32.83 8.11 -19.32
N CYS A 52 -31.49 8.15 -19.40
CA CYS A 52 -30.75 9.38 -19.12
C CYS A 52 -31.16 10.50 -20.06
N GLU A 53 -31.22 10.18 -21.35
CA GLU A 53 -31.58 11.17 -22.37
C GLU A 53 -32.98 11.70 -22.15
N GLU A 54 -33.92 10.80 -21.84
CA GLU A 54 -35.31 11.19 -21.61
C GLU A 54 -35.45 12.20 -20.47
N TYR A 55 -34.80 11.96 -19.35
CA TYR A 55 -34.84 12.91 -18.24
C TYR A 55 -34.19 14.27 -18.58
N ALA A 56 -33.12 14.26 -19.37
CA ALA A 56 -32.45 15.52 -19.74
C ALA A 56 -33.37 16.43 -20.55
N LYS A 57 -34.27 15.84 -21.33
CA LYS A 57 -35.22 16.60 -22.17
C LYS A 57 -36.30 17.35 -21.37
N ILE A 58 -36.51 16.99 -20.11
CA ILE A 58 -37.55 17.66 -19.33
C ILE A 58 -37.05 18.43 -18.09
N ASP A 59 -35.74 18.55 -17.92
CA ASP A 59 -35.19 19.35 -16.84
C ASP A 59 -33.80 19.81 -17.22
N ASN A 60 -33.61 21.12 -17.33
CA ASN A 60 -32.33 21.63 -17.81
C ASN A 60 -31.23 21.60 -16.75
N ARG A 61 -31.58 21.18 -15.54
CA ARG A 61 -30.58 21.02 -14.48
C ARG A 61 -29.83 19.69 -14.63
N ILE A 62 -30.27 18.85 -15.58
CA ILE A 62 -29.62 17.57 -15.83
C ILE A 62 -28.61 17.64 -16.98
N GLN A 63 -27.36 17.31 -16.69
CA GLN A 63 -26.31 17.27 -17.72
C GLN A 63 -25.83 15.83 -17.89
N ILE A 64 -25.84 15.36 -19.13
CA ILE A 64 -25.39 14.01 -19.43
C ILE A 64 -23.98 14.01 -19.97
N LEU A 65 -23.16 13.10 -19.45
CA LEU A 65 -21.90 12.78 -20.08
C LEU A 65 -21.88 11.31 -20.45
N HIS A 66 -21.84 11.03 -21.75
CA HIS A 66 -21.63 9.67 -22.20
C HIS A 66 -20.14 9.42 -22.36
N GLN A 67 -19.66 8.28 -21.89
CA GLN A 67 -18.26 7.98 -22.04
C GLN A 67 -18.10 6.49 -22.22
N THR A 68 -17.02 6.11 -22.91
CA THR A 68 -16.61 4.73 -23.06
C THR A 68 -16.39 4.12 -21.70
N ASN A 69 -16.94 2.92 -21.47
CA ASN A 69 -16.84 2.29 -20.17
C ASN A 69 -15.43 2.28 -19.60
N ALA A 70 -15.28 2.83 -18.40
CA ALA A 70 -13.97 2.93 -17.78
C ALA A 70 -14.01 2.71 -16.25
N GLY A 71 -15.17 2.36 -15.71
CA GLY A 71 -15.29 2.06 -14.30
C GLY A 71 -15.83 3.21 -13.44
N PRO A 72 -16.25 2.90 -12.21
CA PRO A 72 -16.85 3.86 -11.25
C PRO A 72 -15.92 5.05 -10.91
N SER A 73 -14.65 4.79 -10.64
CA SER A 73 -13.67 5.86 -10.40
C SER A 73 -13.59 6.86 -11.55
N ALA A 74 -13.49 6.33 -12.78
CA ALA A 74 -13.38 7.20 -13.95
C ALA A 74 -14.63 8.03 -14.13
N ALA A 75 -15.78 7.45 -13.81
CA ALA A 75 -17.06 8.14 -13.97
C ALA A 75 -17.17 9.29 -12.98
N ARG A 76 -16.82 9.03 -11.72
CA ARG A 76 -16.85 10.08 -10.71
C ARG A 76 -15.82 11.17 -11.01
N ASN A 77 -14.64 10.80 -11.50
CA ASN A 77 -13.62 11.81 -11.79
C ASN A 77 -14.08 12.73 -12.91
N ALA A 78 -14.84 12.17 -13.85
CA ALA A 78 -15.41 12.97 -14.93
C ALA A 78 -16.48 13.90 -14.37
N GLY A 79 -17.29 13.38 -13.44
CA GLY A 79 -18.24 14.22 -12.72
C GLY A 79 -17.58 15.42 -12.04
N ILE A 80 -16.48 15.15 -11.33
CA ILE A 80 -15.75 16.19 -10.62
C ILE A 80 -15.21 17.26 -11.57
N THR A 81 -14.65 16.81 -12.69
CA THR A 81 -14.09 17.72 -13.71
C THR A 81 -15.18 18.58 -14.35
N TYR A 82 -16.36 18.01 -14.57
CA TYR A 82 -17.45 18.73 -15.22
C TYR A 82 -18.27 19.64 -14.26
N ALA A 83 -18.16 19.42 -12.96
CA ALA A 83 -18.98 20.15 -12.01
C ALA A 83 -18.61 21.64 -11.89
N SER A 84 -19.60 22.52 -11.91
CA SER A 84 -19.28 23.93 -11.74
C SER A 84 -19.88 24.49 -10.45
N GLY A 85 -20.38 23.61 -9.59
CA GLY A 85 -21.02 24.05 -8.36
C GLY A 85 -20.02 24.52 -7.32
N LYS A 86 -20.52 25.20 -6.28
CA LYS A 86 -19.68 25.59 -5.18
C LYS A 86 -19.54 24.39 -4.26
N TYR A 87 -20.51 23.48 -4.34
CA TYR A 87 -20.48 22.28 -3.52
C TYR A 87 -20.58 21.05 -4.41
N ILE A 88 -20.11 19.92 -3.89
CA ILE A 88 -20.16 18.66 -4.64
C ILE A 88 -20.69 17.54 -3.76
N THR A 89 -21.59 16.74 -4.30
CA THR A 89 -22.13 15.63 -3.52
C THR A 89 -22.30 14.44 -4.47
N PHE A 90 -22.30 13.21 -3.95
CA PHE A 90 -22.47 12.03 -4.79
C PHE A 90 -23.75 11.27 -4.47
N VAL A 91 -24.46 10.83 -5.50
CA VAL A 91 -25.60 9.92 -5.32
C VAL A 91 -25.41 8.70 -6.23
N ASP A 92 -25.53 7.51 -5.67
CA ASP A 92 -25.49 6.30 -6.50
C ASP A 92 -26.85 6.05 -7.17
N SER A 93 -26.81 5.67 -8.45
CA SER A 93 -28.03 5.58 -9.25
C SER A 93 -28.94 4.45 -8.79
N ASP A 94 -28.39 3.55 -7.98
CA ASP A 94 -29.09 2.46 -7.28
C ASP A 94 -30.02 2.92 -6.19
N ASP A 95 -29.79 4.13 -5.70
CA ASP A 95 -30.38 4.59 -4.46
C ASP A 95 -31.37 5.74 -4.66
N PHE A 96 -31.95 6.22 -3.56
CA PHE A 96 -32.85 7.37 -3.65
C PHE A 96 -32.88 8.10 -2.32
N VAL A 97 -33.42 9.32 -2.33
CA VAL A 97 -33.34 10.20 -1.17
C VAL A 97 -34.68 10.86 -0.82
N GLU A 98 -34.79 11.32 0.43
CA GLU A 98 -35.94 12.15 0.87
C GLU A 98 -35.94 13.44 0.11
N GLU A 99 -37.08 14.11 0.05
CA GLU A 99 -37.16 15.35 -0.71
C GLU A 99 -36.40 16.51 -0.04
N PHE A 100 -36.12 16.37 1.27
CA PHE A 100 -35.41 17.44 2.01
C PHE A 100 -33.92 17.14 2.24
N TYR A 101 -33.43 16.12 1.57
CA TYR A 101 -32.06 15.63 1.71
C TYR A 101 -31.00 16.72 1.50
N LEU A 102 -31.03 17.32 0.32
CA LEU A 102 -30.05 18.30 -0.07
C LEU A 102 -30.07 19.54 0.81
N GLU A 103 -31.29 20.02 1.07
CA GLU A 103 -31.50 21.21 1.91
C GLU A 103 -30.93 21.04 3.31
N HIS A 104 -31.20 19.91 3.94
CA HIS A 104 -30.67 19.64 5.27
C HIS A 104 -29.14 19.61 5.27
N LEU A 105 -28.55 18.96 4.27
CA LEU A 105 -27.09 18.93 4.15
C LEU A 105 -26.55 20.34 3.97
N TYR A 106 -27.22 21.12 3.12
CA TYR A 106 -26.79 22.49 2.86
C TYR A 106 -26.79 23.37 4.11
N ARG A 107 -27.92 23.40 4.82
CA ARG A 107 -28.03 24.19 6.06
C ARG A 107 -26.99 23.81 7.09
N ALA A 108 -26.79 22.51 7.25
CA ALA A 108 -25.90 21.99 8.27
C ALA A 108 -24.48 22.45 8.01
N LEU A 109 -24.14 22.64 6.74
CA LEU A 109 -22.79 23.06 6.37
C LEU A 109 -22.64 24.56 6.54
N VAL A 110 -23.57 25.29 5.94
CA VAL A 110 -23.49 26.74 5.87
C VAL A 110 -23.77 27.41 7.23
N ASP A 111 -24.81 26.98 7.93
CA ASP A 111 -25.12 27.58 9.22
C ASP A 111 -24.01 27.36 10.24
N ASN A 112 -23.24 26.30 10.07
CA ASN A 112 -22.22 25.99 11.07
C ASN A 112 -20.82 26.42 10.65
N GLY A 113 -20.69 26.91 9.42
CA GLY A 113 -19.38 27.27 8.90
C GLY A 113 -18.47 26.07 8.70
N SER A 114 -19.06 24.90 8.45
CA SER A 114 -18.23 23.72 8.21
C SER A 114 -17.79 23.66 6.73
N ASP A 115 -16.82 22.81 6.44
CA ASP A 115 -16.36 22.61 5.07
C ASP A 115 -17.04 21.40 4.42
N ILE A 116 -17.59 20.54 5.27
CA ILE A 116 -18.24 19.31 4.85
C ILE A 116 -19.41 19.05 5.80
N SER A 117 -20.54 18.60 5.25
CA SER A 117 -21.62 18.06 6.06
C SER A 117 -21.91 16.61 5.63
N VAL A 118 -22.32 15.80 6.60
CA VAL A 118 -22.51 14.36 6.42
C VAL A 118 -23.80 13.95 7.11
N CYS A 119 -24.63 13.17 6.43
CA CYS A 119 -25.79 12.61 7.12
C CYS A 119 -25.69 11.09 7.08
N ASN A 120 -26.70 10.41 7.61
CA ASN A 120 -26.67 8.97 7.69
C ASN A 120 -27.54 8.40 6.56
N PHE A 121 -27.76 7.09 6.57
CA PHE A 121 -28.64 6.49 5.58
C PHE A 121 -29.48 5.41 6.24
N ASN A 122 -30.66 5.15 5.67
CA ASN A 122 -31.42 3.95 6.00
C ASN A 122 -31.37 3.02 4.80
N SER A 123 -31.94 1.83 4.92
CA SER A 123 -31.87 0.91 3.80
C SER A 123 -33.24 0.51 3.27
N PHE A 124 -33.24 0.05 2.04
CA PHE A 124 -34.43 -0.48 1.40
C PHE A 124 -34.08 -1.85 0.85
N ASN A 125 -34.76 -2.87 1.35
CA ASN A 125 -34.55 -4.25 0.93
C ASN A 125 -35.32 -4.46 -0.36
N GLU A 126 -34.62 -4.62 -1.48
CA GLU A 126 -35.29 -4.76 -2.77
C GLU A 126 -36.02 -6.10 -2.91
N ASP A 127 -35.50 -7.13 -2.26
CA ASP A 127 -36.09 -8.46 -2.37
C ASP A 127 -37.44 -8.54 -1.66
N ARG A 128 -37.61 -7.76 -0.61
CA ARG A 128 -38.86 -7.77 0.12
C ARG A 128 -39.64 -6.45 -0.01
N GLN A 129 -39.07 -5.50 -0.74
CA GLN A 129 -39.66 -4.16 -0.89
C GLN A 129 -40.02 -3.54 0.47
N SER A 130 -39.08 -3.52 1.41
CA SER A 130 -39.34 -2.94 2.72
C SER A 130 -38.17 -2.12 3.26
N PHE A 131 -38.50 -0.98 3.88
CA PHE A 131 -37.51 -0.13 4.49
C PHE A 131 -37.00 -0.75 5.77
N LEU A 132 -35.72 -0.53 6.04
CA LEU A 132 -35.17 -0.75 7.36
C LEU A 132 -34.76 0.61 7.97
N PHE A 133 -35.55 1.07 8.93
CA PHE A 133 -35.28 2.36 9.56
C PHE A 133 -34.38 2.24 10.79
N SER A 134 -33.11 1.91 10.57
CA SER A 134 -32.11 1.85 11.64
C SER A 134 -31.94 3.18 12.37
N ILE A 135 -32.04 4.27 11.62
CA ILE A 135 -31.89 5.60 12.18
C ILE A 135 -33.25 6.26 12.41
N THR A 136 -33.68 6.29 13.66
CA THR A 136 -34.98 6.83 14.04
C THR A 136 -34.90 8.29 14.51
N LYS A 137 -36.03 8.99 14.48
CA LYS A 137 -36.10 10.39 14.92
C LYS A 137 -35.66 10.53 16.37
N GLU A 138 -35.96 9.54 17.20
CA GLU A 138 -35.58 9.60 18.61
C GLU A 138 -34.08 9.57 18.80
N LYS A 139 -33.35 9.06 17.80
CA LYS A 139 -31.90 8.99 17.89
C LYS A 139 -31.23 10.11 17.10
N TYR A 140 -32.03 11.03 16.59
CA TYR A 140 -31.48 12.16 15.87
C TYR A 140 -30.53 13.00 16.73
N PHE A 141 -29.42 13.41 16.14
CA PHE A 141 -28.59 14.44 16.72
C PHE A 141 -27.79 15.14 15.62
N CYS A 142 -27.21 16.26 15.96
CA CYS A 142 -26.38 17.00 15.04
C CYS A 142 -25.18 17.44 15.83
N LYS A 143 -24.01 17.56 15.19
CA LYS A 143 -22.79 17.87 15.91
C LYS A 143 -21.68 18.37 15.01
N ASN A 144 -20.96 19.40 15.46
CA ASN A 144 -19.72 19.82 14.82
C ASN A 144 -18.53 19.03 15.35
N TYR A 145 -17.59 18.71 14.46
CA TYR A 145 -16.39 17.98 14.83
C TYR A 145 -15.14 18.65 14.30
N THR A 146 -14.05 18.58 15.05
CA THR A 146 -12.72 18.77 14.48
C THR A 146 -12.38 17.53 13.65
N ILE A 147 -11.29 17.61 12.90
CA ILE A 147 -10.90 16.46 12.09
C ILE A 147 -10.44 15.33 13.01
N ALA A 148 -9.72 15.69 14.07
CA ALA A 148 -9.26 14.67 15.04
C ALA A 148 -10.42 13.94 15.74
N GLU A 149 -11.47 14.67 16.07
CA GLU A 149 -12.68 14.09 16.67
C GLU A 149 -13.44 13.25 15.66
N TRP A 150 -13.44 13.70 14.40
CA TRP A 150 -14.11 12.98 13.33
C TRP A 150 -13.39 11.66 12.99
N MET A 151 -12.06 11.70 12.96
CA MET A 151 -11.27 10.54 12.59
C MET A 151 -11.23 9.45 13.67
N ASP A 152 -11.88 9.68 14.81
CA ASP A 152 -11.71 8.76 15.92
C ASP A 152 -12.94 7.94 16.25
N LEU A 153 -13.58 7.38 15.23
CA LEU A 153 -14.68 6.45 15.43
C LEU A 153 -14.25 5.20 16.19
N ASN A 160 -21.08 3.96 11.52
CA ASN A 160 -20.11 2.91 11.22
C ASN A 160 -18.90 3.42 10.42
N LEU A 161 -17.95 2.52 10.20
CA LEU A 161 -16.78 2.84 9.37
C LEU A 161 -17.15 2.78 7.88
N PHE A 162 -18.28 2.13 7.56
CA PHE A 162 -18.75 2.08 6.18
C PHE A 162 -19.32 3.42 5.76
N LEU A 163 -20.20 3.97 6.59
CA LEU A 163 -20.78 5.27 6.34
C LEU A 163 -19.74 6.39 6.25
N THR A 164 -18.80 6.39 7.19
CA THR A 164 -17.79 7.42 7.29
C THR A 164 -16.75 7.37 6.18
N PHE A 165 -16.12 6.22 5.97
CA PHE A 165 -14.91 6.21 5.15
C PHE A 165 -15.11 5.58 3.79
N THR A 166 -15.95 4.56 3.69
CA THR A 166 -15.97 3.80 2.45
C THR A 166 -17.21 4.08 1.60
N PHE A 167 -18.03 5.05 2.01
CA PHE A 167 -19.25 5.38 1.26
C PHE A 167 -19.30 6.83 0.81
N SER A 168 -19.17 7.05 -0.50
CA SER A 168 -19.10 8.40 -1.03
C SER A 168 -20.41 9.24 -0.98
N PRO A 169 -21.60 8.61 -0.99
CA PRO A 169 -22.77 9.50 -0.81
C PRO A 169 -23.04 9.95 0.65
N THR A 170 -24.13 10.70 0.84
CA THR A 170 -24.59 11.26 2.13
C THR A 170 -23.72 12.42 2.61
N LYS A 171 -22.89 12.96 1.72
CA LYS A 171 -21.93 13.97 2.15
C LYS A 171 -21.90 15.16 1.19
N LEU A 172 -21.76 16.35 1.74
CA LEU A 172 -21.71 17.55 0.94
C LEU A 172 -20.37 18.23 1.15
N PHE A 173 -19.63 18.35 0.05
CA PHE A 173 -18.26 18.84 0.07
C PHE A 173 -18.13 20.21 -0.57
N LYS A 174 -17.43 21.12 0.11
CA LYS A 174 -16.97 22.33 -0.57
C LYS A 174 -16.16 21.89 -1.77
N ALA A 175 -16.36 22.53 -2.92
CA ALA A 175 -15.71 22.09 -4.15
C ALA A 175 -14.20 22.26 -4.11
N GLU A 176 -13.73 23.30 -3.42
CA GLU A 176 -12.30 23.58 -3.35
C GLU A 176 -11.50 22.45 -2.70
N LEU A 177 -12.16 21.63 -1.88
CA LEU A 177 -11.51 20.46 -1.27
C LEU A 177 -10.93 19.48 -2.31
N PHE A 178 -11.52 19.45 -3.49
CA PHE A 178 -11.12 18.45 -4.49
C PHE A 178 -9.84 18.75 -5.26
N GLU A 179 -9.16 19.85 -4.91
CA GLU A 179 -7.85 20.14 -5.50
C GLU A 179 -6.88 18.97 -5.26
N GLY A 180 -6.47 18.31 -6.34
CA GLY A 180 -5.51 17.22 -6.25
C GLY A 180 -6.07 15.89 -5.81
N ILE A 181 -7.39 15.83 -5.60
CA ILE A 181 -8.01 14.58 -5.14
C ILE A 181 -8.90 13.95 -6.21
N ARG A 182 -8.55 12.72 -6.62
CA ARG A 182 -9.33 11.95 -7.58
C ARG A 182 -9.48 10.50 -7.11
N PHE A 183 -10.56 9.85 -7.55
CA PHE A 183 -10.72 8.42 -7.27
C PHE A 183 -9.71 7.61 -8.11
N PRO A 184 -9.09 6.59 -7.48
CA PRO A 184 -8.07 5.76 -8.16
C PRO A 184 -8.62 4.84 -9.25
N LEU A 185 -8.04 4.93 -10.44
CA LEU A 185 -8.57 4.24 -11.61
C LEU A 185 -8.58 2.72 -11.56
N GLY A 186 -9.63 2.14 -12.12
CA GLY A 186 -9.73 0.71 -12.34
C GLY A 186 -9.86 -0.13 -11.09
N ARG A 187 -9.93 0.53 -9.94
CA ARG A 187 -10.03 -0.19 -8.68
C ARG A 187 -11.40 -0.05 -8.04
N LEU A 188 -11.84 -1.11 -7.36
CA LEU A 188 -13.03 -1.05 -6.54
C LEU A 188 -12.54 -0.71 -5.13
N ARG A 189 -13.45 -0.51 -4.17
CA ARG A 189 -13.14 0.14 -2.90
C ARG A 189 -12.47 1.48 -3.19
N GLU A 190 -13.08 2.24 -4.10
CA GLU A 190 -12.48 3.48 -4.56
C GLU A 190 -12.86 4.62 -3.60
N ASP A 191 -14.08 4.56 -3.05
CA ASP A 191 -14.53 5.46 -1.98
C ASP A 191 -13.62 5.35 -0.76
N ASP A 192 -13.31 4.09 -0.41
CA ASP A 192 -12.47 3.73 0.72
C ASP A 192 -11.13 4.46 0.66
N ALA A 193 -10.65 4.69 -0.56
CA ALA A 193 -9.34 5.26 -0.83
C ALA A 193 -9.35 6.78 -0.93
N THR A 194 -10.52 7.38 -0.99
CA THR A 194 -10.61 8.78 -1.42
C THR A 194 -11.30 9.72 -0.42
N ILE A 195 -12.43 9.30 0.15
CA ILE A 195 -13.29 10.15 0.94
C ILE A 195 -12.55 10.77 2.14
N TYR A 196 -11.77 9.95 2.83
CA TYR A 196 -11.07 10.43 4.02
C TYR A 196 -10.03 11.51 3.68
N ARG A 197 -9.51 11.48 2.45
CA ARG A 197 -8.56 12.53 2.05
C ARG A 197 -9.26 13.90 1.95
N LEU A 198 -10.54 13.88 1.60
CA LEU A 198 -11.37 15.07 1.63
C LEU A 198 -11.58 15.57 3.07
N TYR A 199 -11.78 14.67 4.02
CA TYR A 199 -11.89 15.07 5.43
C TYR A 199 -10.63 15.81 5.91
N LEU A 200 -9.46 15.29 5.51
CA LEU A 200 -8.20 15.86 5.96
C LEU A 200 -7.96 17.27 5.43
N LYS A 201 -8.66 17.64 4.38
CA LYS A 201 -8.65 19.02 3.86
C LYS A 201 -9.52 19.97 4.71
N ALA A 202 -10.52 19.44 5.41
CA ALA A 202 -11.48 20.28 6.14
C ALA A 202 -10.94 20.82 7.46
N SER A 203 -11.55 21.89 7.96
CA SER A 203 -11.28 22.42 9.31
C SER A 203 -12.33 21.91 10.30
N GLN A 204 -13.57 21.81 9.84
CA GLN A 204 -14.68 21.36 10.67
C GLN A 204 -15.68 20.56 9.83
N ILE A 205 -16.19 19.48 10.40
CA ILE A 205 -17.16 18.65 9.74
C ILE A 205 -18.43 18.60 10.57
N THR A 206 -19.58 18.80 9.93
CA THR A 206 -20.86 18.72 10.62
C THR A 206 -21.61 17.43 10.26
N PHE A 207 -21.97 16.66 11.29
CA PHE A 207 -22.76 15.45 11.12
C PHE A 207 -24.23 15.59 11.55
N ILE A 208 -25.15 15.10 10.73
CA ILE A 208 -26.54 15.00 11.14
C ILE A 208 -26.99 13.56 11.08
N ASN A 209 -27.38 13.02 12.23
CA ASN A 209 -27.86 11.65 12.30
C ASN A 209 -29.31 11.50 11.87
N GLU A 210 -29.58 11.74 10.59
CA GLU A 210 -30.86 11.36 9.99
C GLU A 210 -30.61 10.40 8.82
N GLY A 211 -31.53 9.45 8.62
CA GLY A 211 -31.46 8.51 7.51
C GLY A 211 -32.22 9.02 6.30
N SER A 212 -31.69 10.05 5.64
CA SER A 212 -32.39 10.73 4.56
C SER A 212 -32.02 10.18 3.20
N TYR A 213 -31.00 9.35 3.20
CA TYR A 213 -30.52 8.69 2.03
C TYR A 213 -30.91 7.23 2.18
N TYR A 214 -31.46 6.64 1.13
CA TYR A 214 -31.82 5.22 1.19
C TYR A 214 -30.91 4.35 0.34
N TYR A 215 -30.24 3.43 1.03
CA TYR A 215 -29.31 2.52 0.41
C TYR A 215 -30.05 1.31 -0.09
N SER A 216 -30.19 1.17 -1.40
CA SER A 216 -30.86 -0.01 -1.92
C SER A 216 -30.04 -1.28 -1.67
N GLN A 217 -30.67 -2.27 -1.05
CA GLN A 217 -29.98 -3.50 -0.67
C GLN A 217 -30.56 -4.72 -1.38
N ARG A 218 -29.68 -5.57 -1.91
CA ARG A 218 -30.12 -6.79 -2.58
C ARG A 218 -29.10 -7.91 -2.53
N ASP A 229 -15.38 -9.13 -4.69
CA ASP A 229 -14.75 -8.18 -3.78
C ASP A 229 -13.31 -7.88 -4.21
N ASP A 230 -12.74 -6.80 -3.68
CA ASP A 230 -11.37 -6.41 -4.00
C ASP A 230 -10.49 -6.47 -2.75
N ILE A 231 -10.13 -7.69 -2.35
CA ILE A 231 -9.31 -7.92 -1.16
C ILE A 231 -8.04 -7.08 -1.13
N SER A 232 -7.29 -7.12 -2.22
CA SER A 232 -6.03 -6.41 -2.31
C SER A 232 -6.15 -4.93 -1.90
N SER A 233 -7.08 -4.22 -2.53
CA SER A 233 -7.33 -2.81 -2.24
C SER A 233 -7.74 -2.56 -0.80
N MET A 234 -8.50 -3.50 -0.26
CA MET A 234 -8.94 -3.43 1.12
C MET A 234 -7.73 -3.27 2.05
N ILE A 235 -6.69 -4.04 1.76
CA ILE A 235 -5.49 -4.02 2.59
C ILE A 235 -4.64 -2.78 2.31
N SER A 236 -4.42 -2.46 1.03
CA SER A 236 -3.50 -1.38 0.70
C SER A 236 -4.13 -0.01 1.02
N ASN A 237 -5.44 0.12 0.86
CA ASN A 237 -6.12 1.35 1.29
C ASN A 237 -5.91 1.60 2.78
N ALA A 238 -6.03 0.55 3.60
CA ALA A 238 -5.86 0.68 5.04
C ALA A 238 -4.41 1.06 5.40
N GLU A 239 -3.43 0.48 4.70
CA GLU A 239 -2.02 0.78 4.95
C GLU A 239 -1.66 2.23 4.58
N GLU A 240 -2.19 2.67 3.46
CA GLU A 240 -1.98 4.02 2.98
C GLU A 240 -2.63 5.04 3.93
N ARG A 241 -3.83 4.74 4.41
CA ARG A 241 -4.51 5.65 5.31
C ARG A 241 -3.73 5.76 6.64
N ILE A 242 -3.24 4.63 7.14
CA ILE A 242 -2.51 4.65 8.39
C ILE A 242 -1.22 5.46 8.23
N ALA A 243 -0.50 5.25 7.13
CA ALA A 243 0.75 5.97 6.90
C ALA A 243 0.52 7.48 6.83
N LEU A 244 -0.54 7.90 6.16
CA LEU A 244 -0.87 9.31 6.03
C LEU A 244 -1.23 9.94 7.38
N LEU A 245 -2.15 9.32 8.10
CA LEU A 245 -2.58 9.81 9.39
C LEU A 245 -1.40 9.93 10.33
N ALA A 246 -0.54 8.92 10.32
CA ALA A 246 0.63 8.92 11.18
C ALA A 246 1.55 10.09 10.80
N SER A 247 1.73 10.31 9.51
CA SER A 247 2.63 11.34 9.03
C SER A 247 2.11 12.73 9.37
N MET A 248 0.81 12.82 9.61
CA MET A 248 0.17 14.09 9.88
C MET A 248 -0.12 14.23 11.37
N GLY A 249 0.22 13.21 12.14
CA GLY A 249 0.08 13.27 13.60
C GLY A 249 -1.26 12.94 14.21
N TYR A 250 -2.19 12.33 13.46
CA TYR A 250 -3.47 11.88 14.01
C TYR A 250 -3.35 10.55 14.78
N ASP A 251 -4.32 10.28 15.65
CA ASP A 251 -4.30 9.03 16.42
C ASP A 251 -4.65 7.79 15.57
N LEU A 252 -4.01 6.67 15.88
CA LEU A 252 -4.06 5.48 15.03
C LEU A 252 -4.89 4.31 15.57
N THR A 253 -5.30 4.42 16.83
CA THR A 253 -5.94 3.33 17.56
C THR A 253 -7.04 2.60 16.78
N GLU A 254 -8.01 3.36 16.28
CA GLU A 254 -9.15 2.77 15.58
C GLU A 254 -8.73 2.23 14.22
N GLN A 255 -7.86 2.96 13.51
CA GLN A 255 -7.42 2.52 12.20
C GLN A 255 -6.64 1.22 12.35
N ILE A 256 -5.89 1.09 13.43
CA ILE A 256 -5.14 -0.13 13.69
C ILE A 256 -6.11 -1.31 13.90
N LYS A 257 -7.17 -1.12 14.69
CA LYS A 257 -8.16 -2.19 14.88
C LYS A 257 -8.85 -2.59 13.57
N SER A 258 -9.21 -1.59 12.78
CA SER A 258 -9.79 -1.83 11.47
C SER A 258 -8.84 -2.66 10.58
N TYR A 259 -7.56 -2.29 10.59
CA TYR A 259 -6.53 -2.95 9.79
C TYR A 259 -6.38 -4.44 10.15
N LYS A 260 -6.27 -4.73 11.45
CA LYS A 260 -6.18 -6.12 11.92
C LYS A 260 -7.39 -6.92 11.49
N GLY A 261 -8.57 -6.30 11.61
CA GLY A 261 -9.80 -6.91 11.17
C GLY A 261 -9.78 -7.26 9.69
N ARG A 262 -9.30 -6.32 8.85
CA ARG A 262 -9.21 -6.56 7.41
C ARG A 262 -8.19 -7.66 7.06
N LEU A 263 -7.10 -7.71 7.80
CA LEU A 263 -6.11 -8.76 7.60
C LEU A 263 -6.69 -10.16 7.85
N LYS A 264 -7.48 -10.31 8.90
CA LYS A 264 -8.14 -11.58 9.20
C LYS A 264 -9.05 -12.01 8.04
N LYS A 265 -9.85 -11.07 7.57
CA LYS A 265 -10.76 -11.33 6.48
C LYS A 265 -9.98 -11.71 5.21
N CYS A 266 -8.91 -10.97 4.93
CA CYS A 266 -8.09 -11.20 3.74
C CYS A 266 -7.36 -12.55 3.77
N CYS A 267 -6.76 -12.85 4.91
CA CYS A 267 -5.98 -14.07 5.09
C CYS A 267 -6.79 -15.33 4.73
N GLU A 268 -8.06 -15.33 5.10
CA GLU A 268 -8.95 -16.44 4.80
C GLU A 268 -9.58 -16.34 3.39
N ASP A 269 -10.10 -15.17 3.05
CA ASP A 269 -10.79 -15.01 1.77
C ASP A 269 -9.86 -15.06 0.55
N ALA A 270 -8.62 -14.58 0.69
CA ALA A 270 -7.68 -14.68 -0.42
C ALA A 270 -7.41 -16.15 -0.72
N LEU A 271 -7.26 -16.95 0.34
CA LEU A 271 -6.98 -18.37 0.20
C LEU A 271 -8.16 -19.05 -0.53
N ARG A 272 -9.38 -18.77 -0.10
CA ARG A 272 -10.57 -19.33 -0.74
C ARG A 272 -10.68 -18.96 -2.21
N ASN A 273 -10.19 -17.78 -2.58
CA ASN A 273 -10.29 -17.34 -3.98
C ASN A 273 -9.10 -17.75 -4.84
N GLY A 274 -8.12 -18.43 -4.25
CA GLY A 274 -6.91 -18.79 -4.98
C GLY A 274 -5.98 -17.62 -5.24
N GLN A 275 -6.13 -16.56 -4.46
CA GLN A 275 -5.18 -15.45 -4.53
C GLN A 275 -4.05 -15.71 -3.54
N ILE A 276 -3.11 -16.55 -3.98
CA ILE A 276 -2.12 -17.14 -3.10
C ILE A 276 -1.03 -16.18 -2.62
N GLU A 277 -0.49 -15.33 -3.49
CA GLU A 277 0.53 -14.36 -3.02
C GLU A 277 -0.09 -13.38 -2.00
N LEU A 278 -1.31 -12.95 -2.28
CA LEU A 278 -2.04 -12.10 -1.36
C LEU A 278 -2.26 -12.78 0.00
N TYR A 279 -2.57 -14.08 -0.03
CA TYR A 279 -2.78 -14.90 1.16
C TYR A 279 -1.55 -14.94 2.07
N GLN A 280 -0.46 -15.39 1.43
CA GLN A 280 0.90 -15.34 1.96
C GLN A 280 1.17 -14.01 2.68
N GLN A 281 1.13 -12.92 1.92
CA GLN A 281 1.26 -11.61 2.56
C GLN A 281 0.38 -11.29 3.81
N CYS A 282 -0.92 -11.46 3.65
CA CYS A 282 -1.84 -11.14 4.74
C CYS A 282 -1.64 -12.02 5.96
N CYS A 283 -1.46 -13.31 5.74
CA CYS A 283 -1.17 -14.21 6.87
C CYS A 283 0.12 -13.82 7.55
N ASN A 284 1.15 -13.54 6.77
CA ASN A 284 2.40 -13.14 7.37
C ASN A 284 2.23 -11.88 8.23
N LYS A 285 1.56 -10.87 7.68
CA LYS A 285 1.30 -9.64 8.42
C LYS A 285 0.49 -9.92 9.70
N LEU A 286 -0.51 -10.80 9.61
CA LEU A 286 -1.36 -11.07 10.75
C LEU A 286 -0.59 -11.88 11.79
N ASP A 287 0.29 -12.75 11.31
CA ASP A 287 1.16 -13.53 12.17
C ASP A 287 2.12 -12.61 12.95
N LEU A 288 2.59 -11.55 12.31
CA LEU A 288 3.54 -10.66 12.97
C LEU A 288 2.86 -9.84 14.06
N ILE A 289 1.68 -9.30 13.73
CA ILE A 289 0.97 -8.43 14.65
C ILE A 289 0.56 -9.17 15.92
N GLU A 290 0.09 -10.40 15.75
CA GLU A 290 -0.42 -11.19 16.87
C GLU A 290 0.63 -11.98 17.65
N ASN A 291 1.68 -12.43 16.99
CA ASN A 291 2.63 -13.30 17.66
C ASN A 291 4.00 -12.69 17.85
N TYR A 292 4.24 -11.50 17.32
CA TYR A 292 5.54 -10.90 17.49
C TYR A 292 5.47 -9.42 17.81
N PRO A 293 4.57 -9.02 18.74
CA PRO A 293 4.54 -7.58 19.03
C PRO A 293 5.77 -7.16 19.81
N LYS A 294 5.99 -5.86 19.89
CA LYS A 294 7.17 -5.29 20.52
C LYS A 294 7.34 -5.75 21.96
N GLU A 295 8.58 -6.08 22.33
CA GLU A 295 8.91 -6.37 23.73
C GLU A 295 9.86 -5.32 24.31
N GLY B 4 30.92 -26.24 12.10
CA GLY B 4 29.81 -25.31 12.14
C GLY B 4 28.61 -25.83 11.36
N GLU B 5 27.42 -25.38 11.72
CA GLU B 5 26.20 -25.82 11.06
C GLU B 5 26.05 -25.26 9.63
N LEU B 6 25.25 -25.92 8.83
CA LEU B 6 25.17 -25.62 7.41
C LEU B 6 24.56 -24.24 7.13
N ILE B 7 25.26 -23.44 6.33
CA ILE B 7 24.77 -22.16 5.90
C ILE B 7 24.34 -22.24 4.42
N SER B 8 23.11 -21.81 4.13
CA SER B 8 22.65 -21.76 2.74
C SER B 8 22.85 -20.37 2.15
N ILE B 9 23.65 -20.32 1.09
CA ILE B 9 23.92 -19.07 0.39
C ILE B 9 23.07 -19.04 -0.88
N ILE B 10 22.11 -18.12 -0.94
CA ILE B 10 21.20 -18.03 -2.06
C ILE B 10 21.69 -16.97 -3.04
N VAL B 11 21.87 -17.38 -4.30
CA VAL B 11 22.48 -16.52 -5.31
C VAL B 11 21.65 -16.51 -6.60
N PRO B 12 20.82 -15.49 -6.77
CA PRO B 12 20.08 -15.37 -8.03
C PRO B 12 21.01 -15.01 -9.18
N VAL B 13 20.87 -15.69 -10.30
CA VAL B 13 21.73 -15.47 -11.47
C VAL B 13 20.87 -15.09 -12.65
N TYR B 14 21.03 -13.86 -13.11
CA TYR B 14 20.41 -13.43 -14.37
C TYR B 14 21.35 -12.53 -15.17
N ASN B 15 21.89 -13.10 -16.25
CA ASN B 15 22.72 -12.41 -17.23
C ASN B 15 23.85 -11.61 -16.64
N VAL B 16 24.69 -12.29 -15.86
CA VAL B 16 25.81 -11.68 -15.16
C VAL B 16 27.13 -12.32 -15.57
N GLU B 17 27.26 -12.67 -16.85
CA GLU B 17 28.44 -13.39 -17.32
C GLU B 17 29.76 -12.67 -16.98
N LYS B 18 29.75 -11.35 -16.99
CA LYS B 18 30.98 -10.58 -16.70
C LYS B 18 31.44 -10.73 -15.24
N TYR B 19 30.51 -11.00 -14.34
CA TYR B 19 30.79 -10.86 -12.91
C TYR B 19 30.69 -12.14 -12.11
N LEU B 20 30.10 -13.16 -12.70
CA LEU B 20 29.74 -14.34 -11.95
C LEU B 20 30.97 -15.09 -11.44
N LYS B 21 32.01 -15.18 -12.26
CA LYS B 21 33.22 -15.93 -11.85
C LYS B 21 33.87 -15.29 -10.62
N ARG B 22 33.99 -13.97 -10.64
CA ARG B 22 34.51 -13.24 -9.50
C ARG B 22 33.67 -13.54 -8.25
N CYS B 23 32.35 -13.51 -8.38
CA CYS B 23 31.48 -13.76 -7.23
C CYS B 23 31.72 -15.15 -6.68
N LEU B 24 31.60 -16.16 -7.52
CA LEU B 24 31.74 -17.55 -7.09
C LEU B 24 33.12 -17.89 -6.52
N ASP B 25 34.18 -17.35 -7.12
CA ASP B 25 35.54 -17.57 -6.60
C ASP B 25 35.65 -17.03 -5.17
N SER B 26 35.07 -15.86 -4.93
CA SER B 26 35.15 -15.25 -3.60
C SER B 26 34.36 -16.07 -2.56
N LEU B 27 33.34 -16.79 -3.02
CA LEU B 27 32.55 -17.65 -2.12
C LEU B 27 33.23 -18.99 -1.84
N LEU B 28 33.82 -19.60 -2.86
CA LEU B 28 34.49 -20.88 -2.65
C LEU B 28 35.73 -20.71 -1.74
N ARG B 29 36.29 -19.50 -1.67
CA ARG B 29 37.43 -19.23 -0.81
C ARG B 29 37.07 -18.96 0.66
N GLN B 30 35.81 -19.16 1.05
CA GLN B 30 35.40 -18.84 2.42
C GLN B 30 36.15 -19.68 3.45
N THR B 31 36.49 -19.07 4.59
CA THR B 31 37.18 -19.81 5.66
C THR B 31 36.16 -20.66 6.42
N TYR B 32 34.89 -20.26 6.38
CA TYR B 32 33.80 -21.10 6.89
C TYR B 32 33.36 -22.10 5.82
N LYS B 33 33.64 -23.38 6.04
CA LYS B 33 33.52 -24.37 4.96
C LYS B 33 32.12 -24.98 4.79
N ASN B 34 31.35 -25.05 5.87
CA ASN B 34 30.12 -25.82 5.81
C ASN B 34 28.94 -25.03 5.25
N PHE B 35 28.95 -24.82 3.95
CA PHE B 35 27.88 -24.12 3.29
C PHE B 35 27.42 -24.87 2.06
N GLU B 36 26.25 -24.51 1.55
CA GLU B 36 25.83 -24.85 0.19
C GLU B 36 25.61 -23.53 -0.55
N ILE B 37 25.91 -23.52 -1.84
CA ILE B 37 25.62 -22.38 -2.67
C ILE B 37 24.51 -22.78 -3.59
N ILE B 38 23.39 -22.07 -3.50
CA ILE B 38 22.27 -22.34 -4.37
C ILE B 38 22.24 -21.24 -5.44
N LEU B 39 22.68 -21.61 -6.64
CA LEU B 39 22.61 -20.77 -7.83
C LEU B 39 21.26 -20.90 -8.51
N ILE B 40 20.50 -19.81 -8.56
CA ILE B 40 19.23 -19.88 -9.25
C ILE B 40 19.37 -19.11 -10.56
N ASN B 41 19.67 -19.86 -11.62
CA ASN B 41 19.70 -19.30 -12.95
C ASN B 41 18.29 -18.99 -13.40
N ASP B 42 17.94 -17.71 -13.40
CA ASP B 42 16.60 -17.24 -13.74
C ASP B 42 16.44 -17.12 -15.27
N GLY B 43 16.77 -18.19 -15.99
CA GLY B 43 16.60 -18.21 -17.43
C GLY B 43 17.49 -17.24 -18.17
N SER B 44 18.76 -17.17 -17.77
CA SER B 44 19.78 -16.34 -18.43
C SER B 44 19.90 -16.63 -19.91
N THR B 45 20.24 -15.61 -20.68
CA THR B 45 20.39 -15.77 -22.13
C THR B 45 21.81 -15.48 -22.62
N ASP B 46 22.69 -15.10 -21.70
CA ASP B 46 24.11 -15.00 -22.04
C ASP B 46 24.82 -16.30 -21.65
N ASN B 47 26.10 -16.23 -21.29
CA ASN B 47 26.85 -17.44 -20.91
C ASN B 47 26.72 -17.81 -19.43
N SER B 48 25.89 -17.08 -18.68
CA SER B 48 25.74 -17.30 -17.23
C SER B 48 25.43 -18.76 -16.86
N SER B 49 24.52 -19.37 -17.62
CA SER B 49 24.07 -20.72 -17.28
C SER B 49 25.21 -21.74 -17.45
N ILE B 50 26.06 -21.53 -18.45
CA ILE B 50 27.20 -22.40 -18.69
C ILE B 50 28.25 -22.25 -17.58
N ILE B 51 28.57 -21.00 -17.26
CA ILE B 51 29.48 -20.73 -16.16
C ILE B 51 28.98 -21.39 -14.87
N CYS B 52 27.66 -21.35 -14.62
CA CYS B 52 27.09 -22.03 -13.45
C CYS B 52 27.39 -23.52 -13.47
N GLU B 53 27.18 -24.14 -14.62
CA GLU B 53 27.39 -25.59 -14.76
C GLU B 53 28.85 -25.95 -14.55
N GLU B 54 29.75 -25.16 -15.12
CA GLU B 54 31.18 -25.39 -14.95
C GLU B 54 31.57 -25.40 -13.46
N TYR B 55 31.15 -24.40 -12.70
CA TYR B 55 31.46 -24.37 -11.27
C TYR B 55 30.85 -25.55 -10.47
N ALA B 56 29.64 -25.97 -10.81
CA ALA B 56 29.02 -27.11 -10.11
C ALA B 56 29.84 -28.40 -10.26
N LYS B 57 30.55 -28.54 -11.37
CA LYS B 57 31.38 -29.73 -11.65
C LYS B 57 32.64 -29.83 -10.80
N ILE B 58 33.11 -28.71 -10.23
CA ILE B 58 34.33 -28.77 -9.40
C ILE B 58 34.13 -28.48 -7.91
N ASP B 59 32.89 -28.30 -7.46
CA ASP B 59 32.64 -28.18 -6.02
C ASP B 59 31.23 -28.67 -5.72
N ASN B 60 31.12 -29.67 -4.86
CA ASN B 60 29.81 -30.29 -4.64
C ASN B 60 28.95 -29.49 -3.67
N ARG B 61 29.47 -28.37 -3.18
CA ARG B 61 28.70 -27.50 -2.31
C ARG B 61 27.79 -26.58 -3.16
N ILE B 62 28.00 -26.60 -4.47
CA ILE B 62 27.20 -25.80 -5.39
C ILE B 62 26.01 -26.59 -5.96
N GLN B 63 24.80 -26.05 -5.78
CA GLN B 63 23.59 -26.65 -6.36
C GLN B 63 23.01 -25.66 -7.34
N ILE B 64 22.70 -26.14 -8.55
CA ILE B 64 22.10 -25.29 -9.57
C ILE B 64 20.62 -25.53 -9.69
N LEU B 65 19.86 -24.45 -9.75
CA LEU B 65 18.47 -24.50 -10.15
C LEU B 65 18.28 -23.66 -11.39
N HIS B 66 18.00 -24.31 -12.51
CA HIS B 66 17.59 -23.60 -13.70
C HIS B 66 16.09 -23.42 -13.67
N GLN B 67 15.61 -22.24 -14.02
CA GLN B 67 14.18 -22.02 -14.06
C GLN B 67 13.85 -21.01 -15.14
N THR B 68 12.66 -21.13 -15.71
CA THR B 68 12.12 -20.16 -16.65
C THR B 68 12.14 -18.78 -16.01
N ASN B 69 12.61 -17.79 -16.74
CA ASN B 69 12.74 -16.44 -16.20
C ASN B 69 11.47 -15.94 -15.53
N ALA B 70 11.58 -15.61 -14.23
CA ALA B 70 10.42 -15.18 -13.47
C ALA B 70 10.70 -13.97 -12.56
N GLY B 71 11.91 -13.44 -12.62
CA GLY B 71 12.27 -12.28 -11.82
C GLY B 71 13.08 -12.60 -10.57
N PRO B 72 13.72 -11.59 -9.99
CA PRO B 72 14.57 -11.71 -8.79
C PRO B 72 13.82 -12.28 -7.56
N SER B 73 12.59 -11.82 -7.34
CA SER B 73 11.78 -12.35 -6.23
C SER B 73 11.56 -13.85 -6.36
N ALA B 74 11.12 -14.29 -7.54
CA ALA B 74 10.90 -15.72 -7.77
C ALA B 74 12.17 -16.52 -7.59
N ALA B 75 13.30 -15.94 -8.01
CA ALA B 75 14.58 -16.63 -7.89
C ALA B 75 14.98 -16.82 -6.42
N ARG B 76 14.85 -15.77 -5.63
CA ARG B 76 15.17 -15.87 -4.22
C ARG B 76 14.20 -16.80 -3.50
N ASN B 77 12.91 -16.73 -3.85
CA ASN B 77 11.93 -17.60 -3.19
C ASN B 77 12.24 -19.08 -3.49
N ALA B 78 12.77 -19.34 -4.67
CA ALA B 78 13.17 -20.69 -5.06
C ALA B 78 14.37 -21.11 -4.23
N GLY B 79 15.29 -20.18 -4.02
CA GLY B 79 16.42 -20.41 -3.14
C GLY B 79 15.99 -20.81 -1.73
N ILE B 80 15.04 -20.07 -1.18
CA ILE B 80 14.56 -20.30 0.17
C ILE B 80 13.93 -21.68 0.30
N THR B 81 13.12 -22.06 -0.70
CA THR B 81 12.46 -23.37 -0.74
C THR B 81 13.45 -24.54 -0.81
N TYR B 82 14.53 -24.36 -1.56
CA TYR B 82 15.50 -25.43 -1.75
C TYR B 82 16.58 -25.50 -0.64
N ALA B 83 16.73 -24.44 0.13
CA ALA B 83 17.77 -24.38 1.16
C ALA B 83 17.53 -25.37 2.29
N SER B 84 18.57 -26.09 2.69
CA SER B 84 18.42 -27.03 3.80
C SER B 84 19.27 -26.63 4.99
N GLY B 85 19.91 -25.47 4.91
CA GLY B 85 20.77 -24.99 5.96
C GLY B 85 20.02 -24.55 7.20
N LYS B 86 20.75 -24.41 8.31
CA LYS B 86 20.17 -23.91 9.53
C LYS B 86 20.13 -22.38 9.46
N TYR B 87 21.01 -21.83 8.63
CA TYR B 87 21.01 -20.39 8.41
C TYR B 87 20.88 -20.09 6.93
N ILE B 88 20.46 -18.87 6.62
CA ILE B 88 20.25 -18.46 5.23
C ILE B 88 20.83 -17.07 5.00
N THR B 89 21.53 -16.90 3.88
CA THR B 89 22.13 -15.60 3.58
C THR B 89 22.04 -15.37 2.06
N PHE B 90 22.04 -14.10 1.64
CA PHE B 90 21.96 -13.80 0.20
C PHE B 90 23.22 -13.14 -0.33
N VAL B 91 23.68 -13.57 -1.50
CA VAL B 91 24.75 -12.85 -2.20
C VAL B 91 24.30 -12.52 -3.61
N ASP B 92 24.41 -11.26 -4.01
CA ASP B 92 24.14 -10.90 -5.40
C ASP B 92 25.33 -11.29 -6.29
N SER B 93 25.03 -11.88 -7.45
CA SER B 93 26.05 -12.44 -8.34
C SER B 93 26.95 -11.37 -8.96
N ASP B 94 26.52 -10.11 -8.87
CA ASP B 94 27.27 -8.91 -9.25
C ASP B 94 28.42 -8.57 -8.33
N ASP B 95 28.36 -9.11 -7.12
CA ASP B 95 29.20 -8.64 -6.04
C ASP B 95 30.21 -9.69 -5.62
N PHE B 96 31.01 -9.39 -4.61
CA PHE B 96 31.96 -10.36 -4.08
C PHE B 96 32.32 -10.03 -2.65
N VAL B 97 32.93 -10.99 -1.96
CA VAL B 97 33.18 -10.86 -0.53
C VAL B 97 34.62 -11.22 -0.10
N GLU B 98 35.00 -10.69 1.07
CA GLU B 98 36.24 -11.10 1.74
C GLU B 98 36.17 -12.57 2.05
N GLU B 99 37.33 -13.21 2.25
CA GLU B 99 37.35 -14.65 2.52
C GLU B 99 36.82 -14.99 3.92
N PHE B 100 36.81 -14.00 4.84
CA PHE B 100 36.35 -14.24 6.21
C PHE B 100 34.90 -13.76 6.46
N TYR B 101 34.21 -13.43 5.37
CA TYR B 101 32.87 -12.86 5.42
C TYR B 101 31.89 -13.72 6.20
N LEU B 102 31.75 -14.96 5.79
CA LEU B 102 30.77 -15.86 6.36
C LEU B 102 31.08 -16.19 7.82
N GLU B 103 32.35 -16.45 8.10
CA GLU B 103 32.80 -16.79 9.43
C GLU B 103 32.49 -15.68 10.44
N HIS B 104 32.82 -14.45 10.08
CA HIS B 104 32.52 -13.32 10.96
C HIS B 104 31.03 -13.16 11.24
N LEU B 105 30.19 -13.26 10.20
CA LEU B 105 28.73 -13.25 10.39
C LEU B 105 28.28 -14.39 11.30
N TYR B 106 28.80 -15.58 11.06
CA TYR B 106 28.45 -16.75 11.86
C TYR B 106 28.76 -16.57 13.35
N ARG B 107 29.99 -16.18 13.65
CA ARG B 107 30.40 -15.93 15.03
C ARG B 107 29.57 -14.89 15.73
N ALA B 108 29.33 -13.79 15.02
CA ALA B 108 28.59 -12.67 15.58
C ALA B 108 27.18 -13.10 15.99
N LEU B 109 26.62 -14.07 15.26
CA LEU B 109 25.28 -14.54 15.54
C LEU B 109 25.28 -15.53 16.70
N VAL B 110 26.11 -16.56 16.55
CA VAL B 110 26.16 -17.66 17.50
C VAL B 110 26.69 -17.23 18.88
N ASP B 111 27.82 -16.52 18.91
CA ASP B 111 28.40 -16.11 20.18
C ASP B 111 27.51 -15.17 20.98
N ASN B 112 26.64 -14.43 20.31
CA ASN B 112 25.79 -13.49 21.03
C ASN B 112 24.37 -14.02 21.27
N GLY B 113 24.06 -15.21 20.76
CA GLY B 113 22.72 -15.73 20.84
C GLY B 113 21.70 -14.88 20.08
N SER B 114 22.13 -14.28 18.97
CA SER B 114 21.20 -13.48 18.18
C SER B 114 20.47 -14.35 17.16
N ASP B 115 19.38 -13.84 16.60
CA ASP B 115 18.65 -14.57 15.57
C ASP B 115 19.11 -14.18 14.17
N ILE B 116 19.78 -13.03 14.09
CA ILE B 116 20.24 -12.45 12.84
C ILE B 116 21.55 -11.72 13.11
N SER B 117 22.52 -11.84 12.19
CA SER B 117 23.71 -10.97 12.20
C SER B 117 23.80 -10.18 10.88
N VAL B 118 24.33 -8.97 10.97
CA VAL B 118 24.39 -8.03 9.85
C VAL B 118 25.74 -7.37 9.80
N CYS B 119 26.38 -7.33 8.63
CA CYS B 119 27.60 -6.54 8.52
C CYS B 119 27.36 -5.43 7.50
N ASN B 120 28.38 -4.62 7.25
CA ASN B 120 28.26 -3.51 6.32
C ASN B 120 28.85 -3.91 4.96
N PHE B 121 28.96 -2.95 4.06
CA PHE B 121 29.60 -3.24 2.78
C PHE B 121 30.47 -2.06 2.35
N ASN B 122 31.47 -2.33 1.54
CA ASN B 122 32.17 -1.26 0.84
C ASN B 122 31.84 -1.37 -0.63
N SER B 123 32.33 -0.46 -1.45
CA SER B 123 31.98 -0.54 -2.87
C SER B 123 33.19 -0.73 -3.77
N PHE B 124 32.92 -1.20 -4.97
CA PHE B 124 33.92 -1.31 -6.01
C PHE B 124 33.36 -0.65 -7.26
N ASN B 125 34.02 0.41 -7.71
CA ASN B 125 33.67 1.16 -8.91
C ASN B 125 34.15 0.38 -10.13
N GLU B 126 33.23 -0.21 -10.88
CA GLU B 126 33.61 -1.02 -12.02
C GLU B 126 34.23 -0.20 -13.16
N ASP B 127 33.77 1.03 -13.31
CA ASP B 127 34.23 1.89 -14.40
C ASP B 127 35.67 2.32 -14.21
N ARG B 128 36.09 2.44 -12.96
CA ARG B 128 37.46 2.84 -12.67
C ARG B 128 38.27 1.74 -12.01
N GLN B 129 37.67 0.57 -11.83
CA GLN B 129 38.29 -0.55 -11.12
C GLN B 129 38.95 -0.14 -9.79
N SER B 130 38.22 0.58 -8.94
CA SER B 130 38.80 1.00 -7.66
C SER B 130 37.82 0.84 -6.50
N PHE B 131 38.36 0.46 -5.35
CA PHE B 131 37.55 0.28 -4.15
C PHE B 131 37.25 1.61 -3.52
N LEU B 132 36.08 1.70 -2.92
CA LEU B 132 35.79 2.82 -2.05
C LEU B 132 35.60 2.27 -0.62
N PHE B 133 36.60 2.47 0.22
CA PHE B 133 36.53 1.99 1.58
C PHE B 133 35.88 3.02 2.51
N SER B 134 34.56 3.11 2.45
CA SER B 134 33.79 3.97 3.35
C SER B 134 33.92 3.50 4.79
N ILE B 135 33.87 2.19 4.97
CA ILE B 135 33.93 1.58 6.29
C ILE B 135 35.35 1.17 6.62
N THR B 136 36.01 1.97 7.45
CA THR B 136 37.39 1.73 7.82
C THR B 136 37.51 0.98 9.15
N LYS B 137 38.68 0.39 9.38
CA LYS B 137 38.95 -0.38 10.58
C LYS B 137 38.86 0.48 11.84
N GLU B 138 39.19 1.76 11.73
CA GLU B 138 39.13 2.66 12.86
C GLU B 138 37.70 2.95 13.26
N LYS B 139 36.75 2.69 12.35
CA LYS B 139 35.35 2.92 12.65
C LYS B 139 34.62 1.61 12.96
N TYR B 140 35.38 0.53 13.10
CA TYR B 140 34.79 -0.75 13.43
C TYR B 140 34.12 -0.77 14.80
N PHE B 141 32.93 -1.33 14.85
CA PHE B 141 32.29 -1.68 16.11
C PHE B 141 31.35 -2.86 15.93
N CYS B 142 30.91 -3.40 17.04
CA CYS B 142 29.99 -4.51 17.04
C CYS B 142 29.01 -4.19 18.14
N LYS B 143 27.77 -4.65 18.01
CA LYS B 143 26.74 -4.30 18.97
C LYS B 143 25.51 -5.20 18.86
N ASN B 144 24.97 -5.61 20.01
CA ASN B 144 23.69 -6.31 20.07
C ASN B 144 22.56 -5.28 20.15
N TYR B 145 21.44 -5.59 19.49
CA TYR B 145 20.29 -4.70 19.43
C TYR B 145 18.99 -5.43 19.73
N THR B 146 18.08 -4.74 20.40
CA THR B 146 16.69 -5.16 20.43
C THR B 146 16.08 -4.78 19.08
N ILE B 147 14.89 -5.27 18.80
CA ILE B 147 14.26 -4.94 17.53
C ILE B 147 13.91 -3.46 17.54
N ALA B 148 13.44 -2.95 18.66
CA ALA B 148 13.10 -1.52 18.77
C ALA B 148 14.32 -0.60 18.56
N GLU B 149 15.46 -0.98 19.13
CA GLU B 149 16.70 -0.24 18.94
C GLU B 149 17.17 -0.36 17.49
N TRP B 150 16.99 -1.56 16.92
CA TRP B 150 17.36 -1.78 15.53
C TRP B 150 16.51 -0.94 14.56
N MET B 151 15.20 -0.90 14.81
CA MET B 151 14.27 -0.23 13.91
C MET B 151 14.34 1.30 14.00
N ASP B 152 15.25 1.85 14.78
CA ASP B 152 15.21 3.29 15.02
C ASP B 152 16.48 3.97 14.53
N LEU B 153 16.77 3.81 13.24
CA LEU B 153 17.85 4.54 12.61
C LEU B 153 17.57 6.05 12.57
N ASN B 160 23.12 3.09 7.02
CA ASN B 160 22.09 3.73 6.20
C ASN B 160 20.79 2.92 6.16
N LEU B 161 19.74 3.53 5.63
CA LEU B 161 18.46 2.84 5.48
C LEU B 161 18.54 1.88 4.28
N PHE B 162 19.49 2.11 3.38
CA PHE B 162 19.69 1.22 2.24
C PHE B 162 20.27 -0.11 2.71
N LEU B 163 21.34 -0.03 3.47
CA LEU B 163 21.98 -1.20 4.03
C LEU B 163 21.03 -2.04 4.89
N THR B 164 20.27 -1.35 5.74
CA THR B 164 19.42 -2.01 6.69
C THR B 164 18.16 -2.64 6.10
N PHE B 165 17.43 -1.88 5.29
CA PHE B 165 16.07 -2.30 4.94
C PHE B 165 15.93 -2.77 3.51
N THR B 166 16.63 -2.12 2.60
CA THR B 166 16.37 -2.39 1.20
C THR B 166 17.44 -3.23 0.52
N PHE B 167 18.43 -3.72 1.30
CA PHE B 167 19.49 -4.56 0.73
C PHE B 167 19.53 -5.95 1.37
N SER B 168 19.21 -6.97 0.59
CA SER B 168 19.13 -8.32 1.16
C SER B 168 20.48 -9.02 1.52
N PRO B 169 21.60 -8.69 0.84
CA PRO B 169 22.83 -9.31 1.36
C PRO B 169 23.40 -8.68 2.64
N THR B 170 24.55 -9.19 3.09
CA THR B 170 25.30 -8.76 4.29
C THR B 170 24.63 -9.24 5.58
N LYS B 171 23.67 -10.15 5.46
CA LYS B 171 22.90 -10.56 6.61
C LYS B 171 22.79 -12.08 6.72
N LEU B 172 22.87 -12.59 7.95
CA LEU B 172 22.74 -14.02 8.19
C LEU B 172 21.51 -14.26 9.05
N PHE B 173 20.57 -15.03 8.50
CA PHE B 173 19.28 -15.29 9.14
C PHE B 173 19.17 -16.73 9.62
N LYS B 174 18.67 -16.93 10.85
CA LYS B 174 18.20 -18.26 11.22
C LYS B 174 17.15 -18.66 10.21
N ALA B 175 17.18 -19.91 9.76
CA ALA B 175 16.27 -20.33 8.67
C ALA B 175 14.82 -20.31 9.12
N GLU B 176 14.61 -20.55 10.42
CA GLU B 176 13.28 -20.61 11.00
C GLU B 176 12.52 -19.29 10.83
N LEU B 177 13.23 -18.17 10.75
CA LEU B 177 12.59 -16.86 10.56
C LEU B 177 11.75 -16.77 9.27
N PHE B 178 12.08 -17.60 8.28
CA PHE B 178 11.41 -17.52 6.99
C PHE B 178 10.01 -18.17 6.91
N GLU B 179 9.50 -18.68 8.04
CA GLU B 179 8.12 -19.17 8.07
C GLU B 179 7.15 -18.06 7.63
N GLY B 180 6.48 -18.29 6.51
CA GLY B 180 5.49 -17.35 6.01
C GLY B 180 6.03 -16.14 5.28
N ILE B 181 7.35 -16.09 5.10
CA ILE B 181 7.97 -14.90 4.49
C ILE B 181 8.58 -15.20 3.12
N ARG B 182 8.11 -14.48 2.11
CA ARG B 182 8.59 -14.62 0.74
C ARG B 182 8.72 -13.25 0.09
N PHE B 183 9.62 -13.13 -0.89
CA PHE B 183 9.70 -11.90 -1.67
C PHE B 183 8.49 -11.79 -2.64
N PRO B 184 7.93 -10.58 -2.77
CA PRO B 184 6.73 -10.28 -3.60
C PRO B 184 6.97 -10.42 -5.10
N LEU B 185 6.17 -11.21 -5.79
CA LEU B 185 6.43 -11.53 -7.21
C LEU B 185 6.32 -10.37 -8.20
N GLY B 186 7.21 -10.38 -9.18
CA GLY B 186 7.14 -9.46 -10.31
C GLY B 186 7.45 -8.01 -9.99
N ARG B 187 7.84 -7.77 -8.75
CA ARG B 187 8.13 -6.39 -8.32
C ARG B 187 9.61 -6.18 -8.07
N LEU B 188 10.05 -4.95 -8.31
CA LEU B 188 11.38 -4.50 -7.96
C LEU B 188 11.23 -3.83 -6.60
N ARG B 189 12.35 -3.47 -5.95
CA ARG B 189 12.36 -3.09 -4.54
C ARG B 189 11.74 -4.22 -3.72
N GLU B 190 12.12 -5.44 -4.05
CA GLU B 190 11.56 -6.61 -3.40
C GLU B 190 12.20 -6.79 -2.00
N ASP B 191 13.50 -6.44 -1.90
CA ASP B 191 14.22 -6.41 -0.62
C ASP B 191 13.57 -5.43 0.37
N ASP B 192 13.23 -4.24 -0.15
CA ASP B 192 12.57 -3.17 0.58
C ASP B 192 11.30 -3.66 1.28
N ALA B 193 10.64 -4.63 0.66
CA ALA B 193 9.35 -5.16 1.10
C ALA B 193 9.46 -6.34 2.04
N THR B 194 10.65 -6.93 2.15
CA THR B 194 10.76 -8.26 2.77
C THR B 194 11.68 -8.31 3.99
N ILE B 195 12.87 -7.68 3.87
CA ILE B 195 13.94 -7.87 4.85
C ILE B 195 13.50 -7.48 6.25
N TYR B 196 12.83 -6.35 6.38
CA TYR B 196 12.41 -5.86 7.68
C TYR B 196 11.39 -6.80 8.34
N ARG B 197 10.62 -7.54 7.54
CA ARG B 197 9.68 -8.51 8.12
C ARG B 197 10.45 -9.63 8.87
N LEU B 198 11.65 -9.95 8.38
CA LEU B 198 12.53 -10.91 9.05
C LEU B 198 13.06 -10.36 10.38
N TYR B 199 13.43 -9.08 10.40
CA TYR B 199 13.84 -8.43 11.66
C TYR B 199 12.75 -8.54 12.73
N LEU B 200 11.50 -8.35 12.32
CA LEU B 200 10.38 -8.36 13.26
C LEU B 200 10.15 -9.74 13.88
N LYS B 201 10.63 -10.79 13.22
CA LYS B 201 10.61 -12.13 13.77
C LYS B 201 11.68 -12.36 14.85
N ALA B 202 12.74 -11.55 14.84
CA ALA B 202 13.89 -11.79 15.72
C ALA B 202 13.70 -11.25 17.14
N SER B 203 14.51 -11.75 18.06
CA SER B 203 14.55 -11.23 19.44
C SER B 203 15.73 -10.26 19.61
N GLN B 204 16.84 -10.58 18.96
CA GLN B 204 18.04 -9.78 19.05
C GLN B 204 18.82 -9.83 17.74
N ILE B 205 19.35 -8.68 17.33
CA ILE B 205 20.11 -8.56 16.10
C ILE B 205 21.52 -8.07 16.41
N THR B 206 22.53 -8.75 15.87
CA THR B 206 23.91 -8.31 16.05
C THR B 206 24.45 -7.65 14.78
N PHE B 207 24.92 -6.42 14.92
CA PHE B 207 25.57 -5.69 13.84
C PHE B 207 27.11 -5.63 13.97
N ILE B 208 27.81 -5.88 12.87
CA ILE B 208 29.24 -5.66 12.85
C ILE B 208 29.59 -4.66 11.75
N ASN B 209 30.16 -3.53 12.15
CA ASN B 209 30.53 -2.49 11.21
C ASN B 209 31.84 -2.79 10.49
N GLU B 210 31.86 -3.85 9.69
CA GLU B 210 32.96 -4.08 8.77
C GLU B 210 32.43 -4.19 7.33
N GLY B 211 33.21 -3.66 6.38
CA GLY B 211 32.86 -3.70 4.97
C GLY B 211 33.43 -4.96 4.30
N SER B 212 32.81 -6.11 4.60
CA SER B 212 33.34 -7.38 4.16
C SER B 212 32.67 -7.85 2.90
N TYR B 213 31.62 -7.13 2.54
CA TYR B 213 30.88 -7.37 1.33
C TYR B 213 31.19 -6.23 0.40
N TYR B 214 31.46 -6.54 -0.86
CA TYR B 214 31.73 -5.49 -1.83
C TYR B 214 30.61 -5.33 -2.84
N TYR B 215 30.02 -4.15 -2.84
CA TYR B 215 28.91 -3.80 -3.70
C TYR B 215 29.47 -3.26 -5.01
N SER B 216 29.32 -4.04 -6.08
CA SER B 216 29.80 -3.60 -7.37
C SER B 216 28.95 -2.44 -7.90
N GLN B 217 29.62 -1.37 -8.32
CA GLN B 217 28.95 -0.13 -8.70
C GLN B 217 29.30 0.24 -10.14
N ARG B 218 28.29 0.52 -10.95
CA ARG B 218 28.52 0.93 -12.35
C ARG B 218 27.43 1.87 -12.87
N ASP B 229 13.75 2.23 -12.23
CA ASP B 229 13.27 2.37 -10.87
C ASP B 229 11.78 2.00 -10.78
N ASP B 230 11.32 1.68 -9.57
CA ASP B 230 9.94 1.26 -9.35
C ASP B 230 9.29 2.19 -8.33
N ILE B 231 8.82 3.34 -8.80
CA ILE B 231 8.29 4.38 -7.93
C ILE B 231 7.10 3.90 -7.11
N SER B 232 6.19 3.21 -7.77
CA SER B 232 4.99 2.74 -7.12
C SER B 232 5.31 1.92 -5.85
N SER B 233 6.17 0.91 -6.01
CA SER B 233 6.56 0.03 -4.92
C SER B 233 7.24 0.78 -3.79
N MET B 234 8.02 1.77 -4.16
CA MET B 234 8.72 2.62 -3.21
C MET B 234 7.72 3.18 -2.19
N ILE B 235 6.59 3.67 -2.71
CA ILE B 235 5.58 4.29 -1.86
C ILE B 235 4.76 3.26 -1.10
N SER B 236 4.32 2.19 -1.76
CA SER B 236 3.43 1.26 -1.09
C SER B 236 4.20 0.38 -0.10
N ASN B 237 5.49 0.14 -0.37
CA ASN B 237 6.34 -0.56 0.61
C ASN B 237 6.44 0.24 1.90
N ALA B 238 6.65 1.56 1.76
CA ALA B 238 6.77 2.43 2.94
C ALA B 238 5.44 2.50 3.74
N GLU B 239 4.31 2.56 3.03
CA GLU B 239 3.00 2.60 3.69
C GLU B 239 2.71 1.31 4.46
N GLU B 240 2.99 0.18 3.82
CA GLU B 240 2.84 -1.12 4.42
C GLU B 240 3.70 -1.26 5.68
N ARG B 241 4.97 -0.86 5.57
CA ARG B 241 5.86 -0.97 6.70
C ARG B 241 5.37 -0.11 7.87
N ILE B 242 4.91 1.11 7.57
CA ILE B 242 4.45 1.97 8.63
C ILE B 242 3.22 1.36 9.30
N ALA B 243 2.33 0.79 8.50
CA ALA B 243 1.10 0.22 9.05
C ALA B 243 1.41 -0.97 9.98
N LEU B 244 2.34 -1.82 9.57
CA LEU B 244 2.75 -2.94 10.38
C LEU B 244 3.38 -2.53 11.71
N LEU B 245 4.36 -1.64 11.64
CA LEU B 245 5.07 -1.19 12.82
C LEU B 245 4.10 -0.54 13.82
N ALA B 246 3.22 0.30 13.29
CA ALA B 246 2.23 0.98 14.11
C ALA B 246 1.36 -0.06 14.82
N SER B 247 0.99 -1.11 14.09
CA SER B 247 0.09 -2.13 14.61
C SER B 247 0.77 -2.98 15.67
N MET B 248 2.09 -2.97 15.64
CA MET B 248 2.87 -3.81 16.55
C MET B 248 3.43 -2.96 17.68
N GLY B 249 3.19 -1.66 17.62
CA GLY B 249 3.60 -0.77 18.70
C GLY B 249 5.00 -0.17 18.64
N TYR B 250 5.71 -0.31 17.50
CA TYR B 250 7.03 0.32 17.35
C TYR B 250 6.95 1.81 17.04
N ASP B 251 8.06 2.52 17.20
CA ASP B 251 8.10 3.95 16.95
C ASP B 251 8.17 4.28 15.45
N LEU B 252 7.52 5.37 15.05
CA LEU B 252 7.31 5.67 13.64
C LEU B 252 8.14 6.84 13.11
N THR B 253 8.84 7.52 14.00
CA THR B 253 9.50 8.78 13.68
C THR B 253 10.37 8.74 12.43
N GLU B 254 11.24 7.74 12.34
CA GLU B 254 12.17 7.63 11.21
C GLU B 254 11.46 7.19 9.95
N GLN B 255 10.53 6.25 10.10
CA GLN B 255 9.80 5.73 8.95
C GLN B 255 8.98 6.86 8.34
N ILE B 256 8.42 7.70 9.20
CA ILE B 256 7.66 8.85 8.73
C ILE B 256 8.57 9.79 7.92
N LYS B 257 9.78 10.07 8.42
CA LYS B 257 10.73 10.88 7.65
C LYS B 257 11.11 10.23 6.32
N SER B 258 11.36 8.93 6.36
CA SER B 258 11.64 8.18 5.15
C SER B 258 10.49 8.33 4.13
N TYR B 259 9.26 8.15 4.63
CA TYR B 259 8.05 8.20 3.79
C TYR B 259 7.88 9.55 3.08
N LYS B 260 8.02 10.65 3.84
CA LYS B 260 7.91 12.00 3.29
C LYS B 260 8.93 12.25 2.20
N GLY B 261 10.16 11.80 2.45
CA GLY B 261 11.21 11.89 1.45
C GLY B 261 10.90 11.13 0.17
N ARG B 262 10.33 9.93 0.28
CA ARG B 262 9.99 9.12 -0.90
C ARG B 262 8.85 9.77 -1.69
N LEU B 263 7.91 10.39 -0.98
CA LEU B 263 6.81 11.09 -1.62
C LEU B 263 7.31 12.23 -2.50
N LYS B 264 8.24 13.03 -1.98
CA LYS B 264 8.89 14.09 -2.75
C LYS B 264 9.50 13.56 -4.04
N LYS B 265 10.28 12.51 -3.90
CA LYS B 265 10.92 11.88 -5.03
C LYS B 265 9.88 11.37 -6.04
N CYS B 266 8.81 10.76 -5.52
CA CYS B 266 7.73 10.18 -6.35
C CYS B 266 6.93 11.26 -7.09
N CYS B 267 6.54 12.29 -6.36
CA CYS B 267 5.75 13.37 -6.90
C CYS B 267 6.38 13.95 -8.18
N GLU B 268 7.69 14.15 -8.16
CA GLU B 268 8.41 14.72 -9.30
C GLU B 268 8.76 13.67 -10.37
N ASP B 269 9.32 12.54 -9.94
CA ASP B 269 9.73 11.52 -10.89
C ASP B 269 8.59 10.82 -11.62
N ALA B 270 7.44 10.64 -10.95
CA ALA B 270 6.32 10.00 -11.62
C ALA B 270 5.87 10.89 -12.77
N LEU B 271 5.83 12.20 -12.52
CA LEU B 271 5.43 13.16 -13.54
C LEU B 271 6.38 13.10 -14.74
N ARG B 272 7.68 13.07 -14.46
CA ARG B 272 8.69 13.02 -15.51
C ARG B 272 8.58 11.77 -16.37
N ASN B 273 8.11 10.68 -15.76
CA ASN B 273 7.98 9.40 -16.46
C ASN B 273 6.64 9.20 -17.15
N GLY B 274 5.73 10.14 -17.00
CA GLY B 274 4.39 9.98 -17.54
C GLY B 274 3.48 9.06 -16.72
N GLN B 275 3.88 8.77 -15.49
CA GLN B 275 3.00 8.00 -14.59
C GLN B 275 2.07 8.96 -13.85
N ILE B 276 1.00 9.34 -14.54
CA ILE B 276 0.17 10.45 -14.12
C ILE B 276 -0.73 10.14 -12.93
N GLU B 277 -1.35 8.96 -12.86
CA GLU B 277 -2.18 8.65 -11.69
C GLU B 277 -1.31 8.58 -10.42
N LEU B 278 -0.17 7.91 -10.55
CA LEU B 278 0.80 7.84 -9.47
C LEU B 278 1.27 9.24 -9.07
N TYR B 279 1.47 10.10 -10.06
CA TYR B 279 1.85 11.48 -9.77
C TYR B 279 0.78 12.23 -8.96
N GLN B 280 -0.51 12.18 -9.35
CA GLN B 280 -1.56 12.82 -8.55
C GLN B 280 -1.58 12.19 -7.17
N GLN B 281 -1.57 10.86 -7.07
CA GLN B 281 -1.54 10.30 -5.72
C GLN B 281 -0.42 10.84 -4.78
N CYS B 282 0.81 10.86 -5.27
CA CYS B 282 1.90 11.27 -4.40
C CYS B 282 1.88 12.76 -4.09
N CYS B 283 1.53 13.58 -5.07
CA CYS B 283 1.39 15.00 -4.81
C CYS B 283 0.33 15.29 -3.78
N ASN B 284 -0.82 14.64 -3.92
CA ASN B 284 -1.90 14.82 -2.99
C ASN B 284 -1.47 14.46 -1.57
N LYS B 285 -0.85 13.29 -1.42
CA LYS B 285 -0.35 12.85 -0.13
C LYS B 285 0.66 13.86 0.44
N LEU B 286 1.57 14.34 -0.40
CA LEU B 286 2.59 15.28 0.08
C LEU B 286 1.95 16.63 0.43
N ASP B 287 0.93 17.02 -0.33
CA ASP B 287 0.19 18.24 -0.06
C ASP B 287 -0.51 18.18 1.30
N LEU B 288 -1.05 17.02 1.64
CA LEU B 288 -1.77 16.86 2.90
C LEU B 288 -0.82 16.93 4.08
N ILE B 289 0.28 16.21 3.97
CA ILE B 289 1.24 16.12 5.05
C ILE B 289 1.85 17.49 5.39
N GLU B 290 2.18 18.27 4.37
CA GLU B 290 2.85 19.55 4.58
C GLU B 290 1.92 20.74 4.80
N ASN B 291 0.70 20.68 4.28
CA ASN B 291 -0.17 21.85 4.33
C ASN B 291 -1.43 21.63 5.13
N TYR B 292 -1.67 20.40 5.56
CA TYR B 292 -2.86 20.15 6.37
C TYR B 292 -2.57 19.27 7.56
N PRO B 293 -1.48 19.55 8.30
CA PRO B 293 -1.25 18.70 9.47
C PRO B 293 -2.30 18.98 10.54
N LYS B 294 -2.43 18.06 11.49
CA LYS B 294 -3.45 18.14 12.52
C LYS B 294 -3.41 19.48 13.27
N GLU B 295 -4.59 20.03 13.57
CA GLU B 295 -4.70 21.26 14.34
C GLU B 295 -5.06 20.99 15.80
#